data_1DUW
#
_entry.id   1DUW
#
_cell.length_a   55.400
_cell.length_b   55.400
_cell.length_c   236.800
_cell.angle_alpha   90.00
_cell.angle_beta   90.00
_cell.angle_gamma   90.00
#
_symmetry.space_group_name_H-M   'P 41 21 2'
#
loop_
_entity.id
_entity.type
_entity.pdbx_description
1 polymer 'NONAHEME CYTOCHROME C'
2 non-polymer 'HEME C'
3 non-polymer GLYCEROL
4 water water
#
_entity_poly.entity_id   1
_entity_poly.type   'polypeptide(L)'
_entity_poly.pdbx_seq_one_letter_code
;AALEPTDSGAPSAIVMFPVSAKPNPKGAAMKPAVFNHLAHEKKIANCETCHHTGDPVACSTCHTTEGKAEGNFVTLDRAM
HATNIAKRAKGNTPVSCVSCHEQQTKERRECAGCHAIVTPKRDQAWCATCHNVTSSMTPEQMQQGIKGKLPPDQNEALAA
ETVLNHKPVQPLTAMQGPYKVSIDALADKYEPSNFTHRRHMASLMERIKGDKLAEAFHNKPETLCATCHHRSPLSATPPK
CGSCHTKEIDPANPNRPNLKAAYHLQCMGCHQGMNVGRPKNTDCTTCHKARP
;
_entity_poly.pdbx_strand_id   A
#
# COMPACT_ATOMS: atom_id res chain seq x y z
N GLU A 4 -6.25 24.81 -9.85
CA GLU A 4 -4.84 24.89 -9.52
C GLU A 4 -3.94 24.19 -10.53
N PRO A 5 -3.08 24.94 -11.20
CA PRO A 5 -2.16 24.31 -12.15
C PRO A 5 -0.87 23.89 -11.45
N THR A 6 -0.13 23.00 -12.08
CA THR A 6 1.12 22.54 -11.50
C THR A 6 2.25 23.55 -11.72
N ASP A 7 3.20 23.50 -10.81
CA ASP A 7 4.40 24.31 -10.87
C ASP A 7 5.22 23.79 -12.04
N SER A 8 5.32 22.46 -12.11
CA SER A 8 6.08 21.75 -13.11
C SER A 8 5.64 21.98 -14.54
N GLY A 9 4.38 22.33 -14.79
CA GLY A 9 4.05 22.44 -16.20
C GLY A 9 3.59 21.09 -16.73
N ALA A 10 3.57 20.06 -15.89
CA ALA A 10 3.09 18.76 -16.37
C ALA A 10 1.58 18.73 -16.30
N PRO A 11 0.88 17.87 -17.02
CA PRO A 11 -0.59 17.85 -16.86
C PRO A 11 -0.86 17.46 -15.40
N SER A 12 -1.95 17.97 -14.84
CA SER A 12 -2.29 17.74 -13.45
C SER A 12 -2.46 16.27 -13.12
N ALA A 13 -2.99 15.53 -14.08
CA ALA A 13 -3.19 14.07 -13.97
C ALA A 13 -2.88 13.54 -15.37
N ILE A 14 -2.23 12.38 -15.44
CA ILE A 14 -1.84 11.79 -16.71
C ILE A 14 -2.22 10.33 -16.89
N VAL A 15 -2.77 9.94 -18.04
CA VAL A 15 -3.07 8.50 -18.21
C VAL A 15 -1.80 7.82 -18.73
N MET A 16 -1.33 6.72 -18.16
CA MET A 16 -0.11 6.08 -18.63
C MET A 16 -0.46 4.74 -19.28
N PHE A 17 0.08 4.59 -20.48
CA PHE A 17 -0.20 3.43 -21.31
C PHE A 17 0.91 2.42 -21.48
N PRO A 18 0.52 1.19 -21.84
CA PRO A 18 1.50 0.13 -22.03
C PRO A 18 2.22 0.25 -23.38
N VAL A 19 3.17 1.17 -23.42
CA VAL A 19 3.98 1.43 -24.62
C VAL A 19 4.83 0.20 -24.93
N SER A 20 4.50 -0.46 -26.05
CA SER A 20 5.16 -1.68 -26.48
C SER A 20 5.65 -1.66 -27.92
N ALA A 21 6.64 -2.49 -28.21
CA ALA A 21 7.20 -2.62 -29.57
C ALA A 21 6.40 -3.70 -30.31
N LYS A 22 5.62 -4.43 -29.53
CA LYS A 22 4.75 -5.47 -30.03
C LYS A 22 3.37 -4.87 -30.32
N PRO A 23 2.86 -4.85 -31.55
CA PRO A 23 1.52 -4.28 -31.75
C PRO A 23 0.53 -5.08 -30.89
N ASN A 24 -0.47 -4.37 -30.39
CA ASN A 24 -1.52 -4.81 -29.49
C ASN A 24 -2.91 -4.38 -29.92
N PRO A 25 -3.37 -4.88 -31.06
CA PRO A 25 -4.67 -4.48 -31.60
C PRO A 25 -5.82 -4.89 -30.70
N LYS A 26 -5.64 -5.92 -29.88
CA LYS A 26 -6.79 -6.28 -29.05
C LYS A 26 -6.72 -5.63 -27.69
N GLY A 27 -5.77 -4.71 -27.47
CA GLY A 27 -5.79 -4.12 -26.14
C GLY A 27 -5.52 -5.11 -25.02
N ALA A 28 -4.64 -6.09 -25.26
CA ALA A 28 -4.30 -7.07 -24.24
C ALA A 28 -3.34 -6.35 -23.29
N ALA A 29 -3.87 -5.94 -22.15
CA ALA A 29 -3.10 -5.16 -21.20
C ALA A 29 -3.86 -4.90 -19.92
N MET A 30 -3.11 -4.34 -19.00
CA MET A 30 -3.68 -3.89 -17.73
C MET A 30 -4.47 -2.63 -18.06
N LYS A 31 -5.39 -2.27 -17.17
CA LYS A 31 -6.14 -1.04 -17.36
C LYS A 31 -5.10 0.07 -17.17
N PRO A 32 -5.02 1.05 -18.06
CA PRO A 32 -4.02 2.12 -17.91
C PRO A 32 -4.12 2.81 -16.56
N ALA A 33 -2.97 3.32 -16.12
CA ALA A 33 -2.81 3.99 -14.84
C ALA A 33 -2.98 5.49 -14.90
N VAL A 34 -3.69 6.05 -13.94
CA VAL A 34 -3.86 7.52 -13.95
C VAL A 34 -2.95 8.13 -12.87
N PHE A 35 -1.96 8.90 -13.32
CA PHE A 35 -1.01 9.47 -12.35
C PHE A 35 -1.37 10.91 -12.01
N ASN A 36 -1.62 11.15 -10.72
CA ASN A 36 -2.00 12.52 -10.32
C ASN A 36 -0.71 13.29 -10.11
N HIS A 37 -0.24 13.89 -11.20
CA HIS A 37 1.00 14.64 -11.13
C HIS A 37 0.98 15.79 -10.13
N LEU A 38 -0.09 16.59 -10.13
CA LEU A 38 -0.19 17.72 -9.22
C LEU A 38 -0.04 17.28 -7.76
N ALA A 39 -0.85 16.33 -7.32
CA ALA A 39 -0.78 15.86 -5.93
C ALA A 39 0.59 15.30 -5.59
N HIS A 40 1.21 14.57 -6.54
CA HIS A 40 2.53 14.03 -6.24
C HIS A 40 3.58 15.12 -6.06
N GLU A 41 3.64 16.02 -7.05
CA GLU A 41 4.66 17.08 -7.05
C GLU A 41 4.50 18.00 -5.86
N LYS A 42 3.28 18.12 -5.34
CA LYS A 42 3.10 18.95 -4.15
C LYS A 42 3.72 18.27 -2.95
N LYS A 43 3.95 16.95 -2.99
CA LYS A 43 4.53 16.26 -1.84
C LYS A 43 6.00 15.94 -2.00
N ILE A 44 6.50 15.97 -3.22
CA ILE A 44 7.89 15.66 -3.54
C ILE A 44 8.47 16.82 -4.34
N ALA A 45 9.30 17.62 -3.68
CA ALA A 45 9.88 18.81 -4.32
C ALA A 45 10.91 18.47 -5.39
N ASN A 46 11.71 17.44 -5.13
CA ASN A 46 12.75 17.03 -6.05
C ASN A 46 12.17 16.33 -7.28
N CYS A 47 12.13 17.04 -8.40
CA CYS A 47 11.63 16.43 -9.61
C CYS A 47 12.47 15.23 -10.01
N GLU A 48 13.77 15.24 -9.72
CA GLU A 48 14.58 14.11 -10.18
C GLU A 48 14.40 12.87 -9.33
N THR A 49 13.64 12.97 -8.25
CA THR A 49 13.42 11.76 -7.45
C THR A 49 12.80 10.68 -8.34
N CYS A 50 11.90 11.14 -9.20
CA CYS A 50 11.19 10.32 -10.16
C CYS A 50 11.88 10.38 -11.50
N HIS A 51 12.06 11.61 -12.00
CA HIS A 51 12.75 11.78 -13.28
C HIS A 51 14.25 11.64 -13.06
N HIS A 52 14.61 10.42 -12.70
CA HIS A 52 15.98 10.12 -12.32
C HIS A 52 17.00 10.37 -13.40
N THR A 53 16.66 10.53 -14.67
CA THR A 53 17.75 10.83 -15.61
C THR A 53 17.84 12.34 -15.81
N GLY A 54 17.04 13.12 -15.07
CA GLY A 54 17.08 14.56 -15.24
C GLY A 54 15.89 15.12 -15.99
N ASP A 55 16.02 15.35 -17.28
CA ASP A 55 14.94 15.90 -18.10
C ASP A 55 13.63 15.18 -17.92
N PRO A 56 12.57 15.88 -17.56
CA PRO A 56 11.26 15.26 -17.37
C PRO A 56 10.58 14.85 -18.68
N VAL A 57 10.60 13.54 -18.93
CA VAL A 57 9.98 12.95 -20.09
C VAL A 57 9.28 11.66 -19.62
N ALA A 58 8.33 11.20 -20.42
CA ALA A 58 7.60 9.98 -20.09
C ALA A 58 8.58 8.86 -19.83
N CYS A 59 8.35 8.09 -18.76
CA CYS A 59 9.28 6.99 -18.50
C CYS A 59 9.30 5.99 -19.65
N SER A 60 8.17 5.82 -20.33
CA SER A 60 8.09 4.83 -21.41
C SER A 60 8.95 5.15 -22.61
N THR A 61 9.51 6.37 -22.64
CA THR A 61 10.37 6.70 -23.77
C THR A 61 11.61 5.83 -23.73
N CYS A 62 11.93 5.36 -22.52
CA CYS A 62 13.07 4.49 -22.31
C CYS A 62 12.63 3.12 -21.80
N HIS A 63 11.59 3.10 -20.97
CA HIS A 63 11.07 1.87 -20.40
C HIS A 63 9.84 1.34 -21.13
N THR A 64 10.08 0.55 -22.17
CA THR A 64 8.94 0.00 -22.91
C THR A 64 8.64 -1.36 -22.29
N THR A 65 7.49 -1.97 -22.57
CA THR A 65 7.19 -3.26 -21.95
C THR A 65 8.28 -4.29 -22.21
N GLU A 66 8.90 -4.26 -23.39
CA GLU A 66 9.93 -5.24 -23.72
C GLU A 66 11.31 -4.91 -23.19
N GLY A 67 11.55 -3.61 -23.06
CA GLY A 67 12.81 -3.04 -22.62
C GLY A 67 13.67 -2.70 -23.83
N LYS A 68 14.58 -1.74 -23.67
CA LYS A 68 15.44 -1.40 -24.81
C LYS A 68 16.68 -0.67 -24.31
N ALA A 69 17.59 -0.41 -25.22
CA ALA A 69 18.85 0.27 -24.97
C ALA A 69 18.69 1.48 -24.07
N GLU A 70 17.89 2.43 -24.47
CA GLU A 70 17.67 3.66 -23.73
C GLU A 70 17.31 3.44 -22.28
N GLY A 71 16.75 2.27 -21.92
CA GLY A 71 16.42 2.13 -20.51
C GLY A 71 17.27 1.05 -19.86
N ASN A 72 18.32 0.67 -20.60
CA ASN A 72 19.20 -0.37 -20.08
C ASN A 72 18.40 -1.68 -20.03
N PHE A 73 17.41 -1.77 -20.90
CA PHE A 73 16.55 -2.94 -21.00
C PHE A 73 15.69 -3.14 -19.75
N VAL A 74 15.62 -2.06 -18.95
CA VAL A 74 14.77 -2.06 -17.76
C VAL A 74 13.35 -1.91 -18.28
N THR A 75 12.52 -2.94 -18.14
CA THR A 75 11.18 -2.80 -18.70
C THR A 75 10.25 -1.86 -17.94
N LEU A 76 9.13 -1.55 -18.56
CA LEU A 76 8.06 -0.72 -18.01
C LEU A 76 7.57 -1.38 -16.73
N ASP A 77 7.42 -2.71 -16.80
CA ASP A 77 7.00 -3.45 -15.60
C ASP A 77 7.98 -3.22 -14.47
N ARG A 78 9.27 -3.36 -14.73
CA ARG A 78 10.27 -3.13 -13.70
C ARG A 78 10.29 -1.66 -13.27
N ALA A 79 10.32 -0.75 -14.25
CA ALA A 79 10.37 0.67 -13.86
C ALA A 79 9.18 1.09 -13.01
N MET A 80 8.00 0.48 -13.17
CA MET A 80 6.85 0.89 -12.36
C MET A 80 6.62 0.07 -11.10
N HIS A 81 7.10 -1.15 -11.00
CA HIS A 81 6.82 -1.94 -9.80
C HIS A 81 8.03 -2.44 -9.03
N ALA A 82 9.23 -2.08 -9.44
CA ALA A 82 10.39 -2.59 -8.73
C ALA A 82 10.38 -2.34 -7.23
N THR A 83 10.85 -3.30 -6.48
CA THR A 83 11.10 -3.37 -5.05
C THR A 83 12.57 -3.74 -4.96
N ASN A 84 13.34 -3.71 -3.89
CA ASN A 84 14.74 -4.15 -4.00
C ASN A 84 15.61 -3.34 -4.96
N ILE A 85 15.26 -2.12 -5.33
CA ILE A 85 16.12 -1.35 -6.23
C ILE A 85 17.46 -1.08 -5.56
N ALA A 86 18.57 -1.37 -6.23
CA ALA A 86 19.87 -1.13 -5.59
C ALA A 86 20.24 0.35 -5.53
N LYS A 87 20.89 0.71 -4.43
CA LYS A 87 21.35 2.08 -4.25
C LYS A 87 22.49 2.31 -5.23
N ARG A 88 22.37 3.29 -6.11
CA ARG A 88 23.45 3.53 -7.05
C ARG A 88 24.67 4.10 -6.33
N ALA A 89 25.84 3.57 -6.63
CA ALA A 89 27.07 4.07 -6.03
C ALA A 89 27.16 5.55 -6.38
N LYS A 90 27.08 5.89 -7.67
CA LYS A 90 27.13 7.35 -7.90
C LYS A 90 25.88 7.75 -8.68
N GLY A 91 25.53 9.02 -8.52
CA GLY A 91 24.35 9.56 -9.18
C GLY A 91 23.12 9.18 -8.36
N ASN A 92 21.97 9.27 -9.00
CA ASN A 92 20.65 8.98 -8.56
C ASN A 92 20.30 7.49 -8.50
N THR A 93 19.50 7.18 -7.50
CA THR A 93 18.93 5.86 -7.30
C THR A 93 17.49 6.02 -7.79
N PRO A 94 17.11 5.41 -8.89
CA PRO A 94 15.74 5.61 -9.36
C PRO A 94 14.73 5.04 -8.37
N VAL A 95 13.47 5.43 -8.56
CA VAL A 95 12.40 4.89 -7.74
C VAL A 95 11.33 4.37 -8.71
N SER A 96 10.49 3.46 -8.25
CA SER A 96 9.37 2.90 -8.99
C SER A 96 8.08 3.37 -8.31
N CYS A 97 6.90 3.19 -8.89
CA CYS A 97 5.70 3.63 -8.16
C CYS A 97 5.55 2.87 -6.85
N VAL A 98 5.79 1.56 -6.94
CA VAL A 98 5.65 0.69 -5.78
C VAL A 98 6.71 0.92 -4.73
N SER A 99 7.97 1.11 -5.17
CA SER A 99 8.98 1.28 -4.12
C SER A 99 8.77 2.53 -3.27
N CYS A 100 8.43 3.65 -3.90
CA CYS A 100 8.26 4.86 -3.09
C CYS A 100 7.05 4.69 -2.16
N HIS A 101 5.96 4.15 -2.67
CA HIS A 101 4.79 3.91 -1.83
C HIS A 101 5.20 3.05 -0.65
N GLU A 102 6.01 2.04 -0.96
CA GLU A 102 6.48 1.14 0.10
C GLU A 102 7.36 1.92 1.08
N GLN A 103 8.18 2.81 0.54
CA GLN A 103 9.03 3.65 1.38
C GLN A 103 8.20 4.40 2.43
N GLN A 104 7.08 4.93 1.95
CA GLN A 104 6.17 5.73 2.73
C GLN A 104 5.65 4.98 3.97
N THR A 105 5.28 3.73 3.77
CA THR A 105 4.76 2.93 4.86
C THR A 105 5.84 2.56 5.86
N LYS A 106 7.09 2.51 5.43
CA LYS A 106 8.18 2.14 6.33
C LYS A 106 8.83 3.33 7.03
N GLU A 107 8.80 4.50 6.42
CA GLU A 107 9.44 5.69 6.95
C GLU A 107 8.57 6.59 7.80
N ARG A 108 7.26 6.56 7.64
CA ARG A 108 6.35 7.44 8.37
C ARG A 108 5.83 6.73 9.60
N ARG A 109 6.05 7.32 10.78
CA ARG A 109 5.64 6.70 12.04
C ARG A 109 4.18 6.26 12.07
N GLU A 110 3.27 7.05 11.50
CA GLU A 110 1.86 6.73 11.53
C GLU A 110 1.50 5.53 10.65
N CYS A 111 2.38 5.21 9.71
CA CYS A 111 2.18 4.08 8.82
C CYS A 111 2.93 2.85 9.27
N ALA A 112 4.12 3.08 9.80
CA ALA A 112 5.09 2.07 10.16
C ALA A 112 4.69 1.12 11.27
N GLY A 113 3.64 1.35 12.03
CA GLY A 113 3.25 0.41 13.08
C GLY A 113 2.48 -0.74 12.40
N CYS A 114 1.38 -0.40 11.74
CA CYS A 114 0.65 -1.47 11.06
C CYS A 114 1.47 -2.15 9.99
N HIS A 115 2.25 -1.33 9.28
CA HIS A 115 3.05 -1.91 8.19
C HIS A 115 4.23 -2.69 8.71
N ALA A 116 4.46 -2.67 10.02
CA ALA A 116 5.55 -3.53 10.47
C ALA A 116 4.98 -4.95 10.59
N ILE A 117 3.65 -5.02 10.69
CA ILE A 117 3.06 -6.35 10.87
C ILE A 117 2.21 -6.82 9.71
N VAL A 118 2.05 -5.97 8.71
CA VAL A 118 1.23 -6.34 7.57
C VAL A 118 2.02 -6.95 6.43
N THR A 119 1.46 -8.06 5.95
CA THR A 119 1.99 -8.75 4.77
C THR A 119 0.97 -8.43 3.67
N PRO A 120 1.35 -7.50 2.81
CA PRO A 120 0.48 -7.04 1.73
C PRO A 120 0.05 -8.20 0.82
N LYS A 121 -1.21 -8.21 0.42
CA LYS A 121 -1.74 -9.26 -0.45
C LYS A 121 -1.31 -9.03 -1.90
N ARG A 122 -1.29 -7.77 -2.31
CA ARG A 122 -0.92 -7.36 -3.66
C ARG A 122 -1.68 -8.23 -4.66
N ASP A 123 -2.97 -8.25 -4.43
CA ASP A 123 -3.97 -8.99 -5.21
C ASP A 123 -4.58 -8.04 -6.23
N GLN A 124 -5.65 -8.45 -6.86
CA GLN A 124 -6.30 -7.65 -7.88
C GLN A 124 -6.68 -6.25 -7.43
N ALA A 125 -7.17 -6.12 -6.21
CA ALA A 125 -7.58 -4.83 -5.67
C ALA A 125 -6.39 -3.89 -5.58
N TRP A 126 -5.23 -4.45 -5.28
CA TRP A 126 -3.98 -3.68 -5.16
C TRP A 126 -3.57 -3.20 -6.54
N CYS A 127 -3.62 -4.12 -7.53
CA CYS A 127 -3.30 -3.66 -8.88
C CYS A 127 -4.24 -2.55 -9.34
N ALA A 128 -5.54 -2.75 -9.11
CA ALA A 128 -6.58 -1.83 -9.53
C ALA A 128 -6.46 -0.46 -8.86
N THR A 129 -5.68 -0.35 -7.78
CA THR A 129 -5.59 1.00 -7.18
C THR A 129 -4.85 1.95 -8.12
N CYS A 130 -3.84 1.43 -8.80
CA CYS A 130 -3.10 2.21 -9.77
C CYS A 130 -3.67 2.10 -11.18
N HIS A 131 -4.03 0.87 -11.55
CA HIS A 131 -4.59 0.56 -12.87
C HIS A 131 -6.05 0.91 -12.84
N ASN A 132 -6.32 2.20 -12.85
CA ASN A 132 -7.66 2.71 -12.65
C ASN A 132 -8.27 3.67 -13.63
N VAL A 133 -7.78 3.78 -14.86
CA VAL A 133 -8.37 4.77 -15.76
C VAL A 133 -9.88 4.56 -15.89
N THR A 134 -10.57 5.69 -15.92
CA THR A 134 -12.00 5.75 -16.04
C THR A 134 -12.45 4.82 -17.16
N SER A 135 -13.61 4.21 -16.97
CA SER A 135 -14.16 3.30 -17.98
C SER A 135 -14.66 4.09 -19.18
N SER A 136 -14.61 5.41 -19.13
CA SER A 136 -14.99 6.26 -20.24
C SER A 136 -13.96 6.06 -21.35
N MET A 137 -12.76 5.57 -21.00
CA MET A 137 -11.74 5.34 -22.03
C MET A 137 -12.22 4.27 -23.02
N THR A 138 -12.19 4.56 -24.32
CA THR A 138 -12.63 3.66 -25.37
C THR A 138 -11.51 2.76 -25.89
N PRO A 139 -11.84 1.69 -26.61
CA PRO A 139 -10.79 0.81 -27.16
C PRO A 139 -9.85 1.60 -28.08
N GLU A 140 -10.46 2.50 -28.86
CA GLU A 140 -9.74 3.36 -29.78
C GLU A 140 -8.74 4.22 -29.03
N GLN A 141 -9.19 4.86 -27.95
CA GLN A 141 -8.28 5.71 -27.16
C GLN A 141 -7.17 4.86 -26.58
N MET A 142 -7.57 3.64 -26.18
CA MET A 142 -6.57 2.72 -25.64
C MET A 142 -5.54 2.46 -26.73
N GLN A 143 -6.03 2.17 -27.93
CA GLN A 143 -5.12 1.91 -29.05
C GLN A 143 -4.19 3.10 -29.28
N GLN A 144 -4.70 4.32 -29.35
CA GLN A 144 -3.89 5.53 -29.57
C GLN A 144 -2.92 5.79 -28.44
N GLY A 145 -3.35 5.59 -27.19
CA GLY A 145 -2.41 5.79 -26.08
C GLY A 145 -1.27 4.79 -26.20
N ILE A 146 -1.61 3.54 -26.53
CA ILE A 146 -0.56 2.54 -26.69
C ILE A 146 0.45 2.99 -27.73
N LYS A 147 -0.05 3.57 -28.82
CA LYS A 147 0.83 4.03 -29.89
C LYS A 147 1.41 5.41 -29.60
N GLY A 148 1.12 5.95 -28.41
CA GLY A 148 1.64 7.27 -28.11
C GLY A 148 0.98 8.30 -29.02
N LYS A 149 -0.24 7.98 -29.49
CA LYS A 149 -0.84 8.97 -30.39
C LYS A 149 -2.11 9.56 -29.82
N LEU A 150 -2.37 9.34 -28.53
CA LEU A 150 -3.59 9.95 -27.98
C LEU A 150 -3.35 11.44 -27.79
N PRO A 151 -4.21 12.32 -28.25
CA PRO A 151 -4.02 13.77 -28.07
C PRO A 151 -3.98 14.15 -26.58
N PRO A 152 -3.06 15.04 -26.26
CA PRO A 152 -2.87 15.51 -24.88
C PRO A 152 -4.19 15.90 -24.26
N ASP A 153 -5.03 16.60 -25.03
CA ASP A 153 -6.31 17.00 -24.42
C ASP A 153 -7.14 15.76 -24.05
N GLN A 154 -7.15 14.69 -24.85
CA GLN A 154 -7.96 13.53 -24.47
C GLN A 154 -7.39 12.82 -23.26
N ASN A 155 -6.06 12.76 -23.21
CA ASN A 155 -5.35 12.17 -22.07
C ASN A 155 -5.71 12.92 -20.79
N GLU A 156 -5.52 14.23 -20.79
CA GLU A 156 -5.84 15.09 -19.65
C GLU A 156 -7.28 14.91 -19.22
N ALA A 157 -8.18 14.87 -20.21
CA ALA A 157 -9.59 14.70 -19.90
C ALA A 157 -9.84 13.33 -19.28
N LEU A 158 -9.18 12.26 -19.76
CA LEU A 158 -9.46 10.96 -19.17
C LEU A 158 -8.93 10.90 -17.75
N ALA A 159 -7.74 11.47 -17.58
CA ALA A 159 -7.09 11.49 -16.27
C ALA A 159 -7.91 12.28 -15.25
N ALA A 160 -8.38 13.44 -15.71
CA ALA A 160 -9.15 14.35 -14.86
C ALA A 160 -10.43 13.69 -14.39
N GLU A 161 -11.13 13.01 -15.29
CA GLU A 161 -12.37 12.32 -14.99
C GLU A 161 -12.14 11.19 -13.98
N THR A 162 -11.00 10.51 -14.12
CA THR A 162 -10.65 9.44 -13.21
C THR A 162 -10.47 9.96 -11.79
N VAL A 163 -9.65 11.02 -11.69
CA VAL A 163 -9.39 11.62 -10.38
C VAL A 163 -10.66 12.11 -9.71
N LEU A 164 -11.45 12.90 -10.42
CA LEU A 164 -12.68 13.45 -9.89
C LEU A 164 -13.78 12.44 -9.64
N ASN A 165 -13.74 11.26 -10.28
CA ASN A 165 -14.82 10.30 -10.04
C ASN A 165 -14.46 9.32 -8.93
N HIS A 166 -13.26 9.49 -8.37
CA HIS A 166 -12.86 8.59 -7.30
C HIS A 166 -13.55 8.91 -5.98
N LYS A 167 -14.10 7.90 -5.34
CA LYS A 167 -14.78 7.95 -4.05
C LYS A 167 -14.16 6.90 -3.12
N PRO A 168 -13.35 7.36 -2.18
CA PRO A 168 -12.66 6.46 -1.24
C PRO A 168 -13.66 5.54 -0.56
N VAL A 169 -13.23 4.34 -0.14
CA VAL A 169 -14.14 3.41 0.53
C VAL A 169 -14.45 3.87 1.93
N GLN A 170 -15.62 3.53 2.44
CA GLN A 170 -16.01 3.89 3.81
C GLN A 170 -15.55 2.75 4.72
N PRO A 171 -14.48 2.96 5.50
CA PRO A 171 -14.02 1.86 6.36
C PRO A 171 -14.92 1.64 7.56
N LEU A 172 -14.69 0.51 8.23
CA LEU A 172 -15.43 0.19 9.43
C LEU A 172 -14.98 1.19 10.50
N THR A 173 -15.91 1.73 11.28
CA THR A 173 -15.50 2.63 12.35
C THR A 173 -14.96 1.78 13.50
N ALA A 174 -14.21 2.41 14.42
CA ALA A 174 -13.71 1.65 15.57
C ALA A 174 -14.90 1.22 16.44
N MET A 175 -16.03 1.92 16.29
CA MET A 175 -17.27 1.58 17.00
C MET A 175 -17.85 0.32 16.34
N GLN A 176 -17.30 -0.02 15.18
CA GLN A 176 -17.81 -1.25 14.53
C GLN A 176 -17.03 -2.47 14.99
N GLY A 177 -16.01 -2.26 15.82
CA GLY A 177 -15.28 -3.42 16.34
C GLY A 177 -15.58 -3.48 17.83
N PRO A 178 -15.16 -4.50 18.57
CA PRO A 178 -15.43 -4.50 20.01
C PRO A 178 -14.75 -3.34 20.75
N TYR A 179 -15.33 -2.97 21.88
CA TYR A 179 -14.78 -1.87 22.70
C TYR A 179 -13.43 -2.29 23.28
N LYS A 180 -13.43 -3.34 24.07
CA LYS A 180 -12.30 -3.98 24.71
C LYS A 180 -12.37 -5.50 24.49
N VAL A 181 -11.25 -6.19 24.59
CA VAL A 181 -11.25 -7.62 24.42
C VAL A 181 -10.38 -8.21 25.53
N SER A 182 -10.99 -9.10 26.31
CA SER A 182 -10.24 -9.77 27.37
C SER A 182 -9.49 -10.94 26.72
N ILE A 183 -8.23 -10.77 26.37
CA ILE A 183 -7.47 -11.85 25.72
C ILE A 183 -7.01 -12.80 26.80
N ASP A 184 -7.74 -13.91 26.88
CA ASP A 184 -7.49 -14.91 27.90
C ASP A 184 -7.24 -16.33 27.40
N ALA A 185 -7.11 -16.52 26.10
CA ALA A 185 -6.91 -17.83 25.49
C ALA A 185 -5.79 -18.62 26.16
N LEU A 186 -4.80 -17.93 26.72
CA LEU A 186 -3.70 -18.61 27.37
C LEU A 186 -3.53 -18.20 28.84
N ALA A 187 -4.45 -17.48 29.44
CA ALA A 187 -4.32 -16.98 30.81
C ALA A 187 -3.85 -18.09 31.75
N ASP A 188 -2.74 -17.77 32.40
CA ASP A 188 -2.11 -18.70 33.31
C ASP A 188 -1.25 -17.97 34.35
N LYS A 189 -0.02 -17.68 33.97
CA LYS A 189 0.88 -16.95 34.87
C LYS A 189 0.43 -15.52 35.08
N TYR A 190 -0.26 -14.95 34.09
CA TYR A 190 -0.73 -13.58 34.25
C TYR A 190 -2.24 -13.54 34.05
N GLU A 191 -2.83 -12.40 34.40
CA GLU A 191 -4.25 -12.18 34.19
C GLU A 191 -4.49 -12.07 32.68
N PRO A 192 -5.72 -12.09 32.20
CA PRO A 192 -5.94 -11.86 30.77
C PRO A 192 -5.47 -10.45 30.41
N SER A 193 -5.09 -10.26 29.16
CA SER A 193 -4.70 -8.91 28.73
C SER A 193 -5.99 -8.19 28.36
N ASN A 194 -6.37 -7.14 29.10
CA ASN A 194 -7.60 -6.41 28.75
C ASN A 194 -7.27 -5.43 27.65
N PHE A 195 -7.33 -5.86 26.40
CA PHE A 195 -6.98 -5.06 25.25
C PHE A 195 -7.94 -3.93 24.92
N THR A 196 -7.38 -2.73 24.76
CA THR A 196 -8.14 -1.54 24.41
C THR A 196 -8.34 -1.51 22.90
N HIS A 197 -9.08 -2.51 22.45
CA HIS A 197 -9.38 -2.75 21.06
C HIS A 197 -9.92 -1.52 20.35
N ARG A 198 -11.00 -0.94 20.85
CA ARG A 198 -11.53 0.24 20.16
C ARG A 198 -10.62 1.45 20.25
N ARG A 199 -10.01 1.67 21.42
CA ARG A 199 -9.12 2.85 21.51
C ARG A 199 -7.97 2.67 20.53
N HIS A 200 -7.44 1.45 20.45
CA HIS A 200 -6.33 1.26 19.52
C HIS A 200 -6.69 1.60 18.09
N MET A 201 -7.79 1.01 17.63
CA MET A 201 -8.23 1.25 16.26
C MET A 201 -8.48 2.72 15.97
N ALA A 202 -9.09 3.38 16.97
CA ALA A 202 -9.43 4.78 16.74
C ALA A 202 -8.20 5.67 16.66
N SER A 203 -7.23 5.39 17.54
CA SER A 203 -5.98 6.16 17.56
C SER A 203 -5.24 5.93 16.24
N LEU A 204 -5.12 4.66 15.82
CA LEU A 204 -4.44 4.31 14.58
C LEU A 204 -5.07 5.00 13.37
N MET A 205 -6.40 5.01 13.29
CA MET A 205 -7.10 5.63 12.16
C MET A 205 -6.98 7.14 12.16
N GLU A 206 -7.00 7.72 13.35
CA GLU A 206 -6.91 9.18 13.44
C GLU A 206 -5.60 9.70 12.89
N ARG A 207 -4.53 8.96 13.21
CA ARG A 207 -3.21 9.37 12.74
C ARG A 207 -3.12 9.36 11.24
N ILE A 208 -3.97 8.60 10.56
CA ILE A 208 -3.77 8.62 9.09
C ILE A 208 -4.97 9.22 8.39
N LYS A 209 -5.87 9.79 9.17
CA LYS A 209 -7.06 10.39 8.57
C LYS A 209 -6.69 11.42 7.50
N GLY A 210 -7.33 11.25 6.35
CA GLY A 210 -7.13 12.11 5.21
C GLY A 210 -5.90 11.76 4.41
N ASP A 211 -5.09 10.78 4.81
CA ASP A 211 -3.93 10.54 3.94
C ASP A 211 -4.42 9.95 2.63
N LYS A 212 -4.08 10.56 1.50
CA LYS A 212 -4.60 9.97 0.26
C LYS A 212 -3.86 8.71 -0.16
N LEU A 213 -2.61 8.49 0.19
CA LEU A 213 -1.96 7.24 -0.23
C LEU A 213 -2.65 6.11 0.55
N ALA A 214 -2.74 6.31 1.86
CA ALA A 214 -3.39 5.34 2.72
C ALA A 214 -4.83 5.10 2.26
N GLU A 215 -5.60 6.15 2.04
CA GLU A 215 -6.97 5.95 1.59
C GLU A 215 -7.09 5.24 0.23
N ALA A 216 -6.19 5.45 -0.71
CA ALA A 216 -6.31 4.77 -1.99
C ALA A 216 -6.08 3.27 -1.84
N PHE A 217 -5.09 2.86 -1.04
CA PHE A 217 -4.83 1.43 -0.93
C PHE A 217 -5.59 0.67 0.13
N HIS A 218 -6.22 1.33 1.09
CA HIS A 218 -7.03 0.67 2.12
C HIS A 218 -8.44 0.73 1.53
N ASN A 219 -8.64 -0.04 0.46
CA ASN A 219 -9.90 0.14 -0.26
C ASN A 219 -11.04 -0.80 0.01
N LYS A 220 -11.06 -1.45 1.16
CA LYS A 220 -12.22 -2.27 1.49
C LYS A 220 -12.67 -1.78 2.86
N PRO A 221 -13.96 -1.80 3.17
CA PRO A 221 -14.42 -1.34 4.48
C PRO A 221 -13.73 -1.97 5.66
N GLU A 222 -13.32 -3.23 5.56
CA GLU A 222 -12.66 -3.84 6.70
C GLU A 222 -11.16 -3.96 6.60
N THR A 223 -10.55 -3.34 5.59
CA THR A 223 -9.11 -3.53 5.41
C THR A 223 -8.26 -3.36 6.64
N LEU A 224 -8.54 -2.30 7.40
CA LEU A 224 -7.71 -2.05 8.58
C LEU A 224 -7.89 -3.13 9.60
N CYS A 225 -9.07 -3.78 9.65
CA CYS A 225 -9.22 -4.87 10.60
C CYS A 225 -8.25 -6.01 10.27
N ALA A 226 -7.97 -6.23 9.00
CA ALA A 226 -7.08 -7.27 8.49
C ALA A 226 -5.63 -7.04 8.88
N THR A 227 -5.38 -5.83 9.41
CA THR A 227 -4.04 -5.52 9.88
C THR A 227 -3.54 -6.58 10.87
N CYS A 228 -4.46 -6.93 11.77
CA CYS A 228 -4.25 -7.90 12.84
C CYS A 228 -4.93 -9.22 12.53
N HIS A 229 -6.17 -9.13 12.08
CA HIS A 229 -6.95 -10.33 11.70
C HIS A 229 -6.62 -10.71 10.28
N HIS A 230 -5.40 -11.19 10.12
CA HIS A 230 -5.00 -11.49 8.74
C HIS A 230 -5.37 -12.90 8.26
N ARG A 231 -5.10 -13.11 6.99
CA ARG A 231 -5.24 -14.38 6.31
C ARG A 231 -6.57 -15.06 6.51
N SER A 232 -7.59 -14.21 6.56
CA SER A 232 -8.96 -14.71 6.67
C SER A 232 -9.83 -13.68 5.93
N PRO A 233 -10.99 -14.09 5.46
CA PRO A 233 -11.89 -13.20 4.71
C PRO A 233 -12.17 -11.91 5.48
N LEU A 234 -12.34 -10.82 4.71
CA LEU A 234 -12.65 -9.55 5.37
C LEU A 234 -13.97 -9.79 6.08
N SER A 235 -14.02 -9.38 7.34
CA SER A 235 -15.18 -9.67 8.16
C SER A 235 -15.25 -8.85 9.44
N ALA A 236 -16.46 -8.67 9.96
CA ALA A 236 -16.67 -7.96 11.22
C ALA A 236 -16.48 -8.94 12.37
N THR A 237 -16.48 -10.24 12.08
CA THR A 237 -16.30 -11.25 13.14
C THR A 237 -15.27 -12.32 12.78
N PRO A 238 -14.00 -11.93 12.63
CA PRO A 238 -12.94 -12.85 12.22
C PRO A 238 -12.70 -13.91 13.27
N PRO A 239 -12.09 -15.01 12.82
CA PRO A 239 -11.78 -16.13 13.70
C PRO A 239 -10.72 -15.77 14.74
N LYS A 240 -10.72 -16.48 15.87
CA LYS A 240 -9.74 -16.22 16.92
C LYS A 240 -8.34 -16.58 16.44
N CYS A 241 -7.35 -15.84 16.92
CA CYS A 241 -5.96 -16.12 16.60
C CYS A 241 -5.67 -17.60 16.87
N GLY A 242 -6.19 -18.11 17.97
CA GLY A 242 -6.08 -19.45 18.49
C GLY A 242 -6.59 -20.53 17.55
N SER A 243 -7.35 -20.14 16.54
CA SER A 243 -7.87 -21.08 15.57
C SER A 243 -6.79 -21.49 14.57
N CYS A 244 -5.78 -20.65 14.40
CA CYS A 244 -4.71 -20.96 13.46
C CYS A 244 -3.38 -21.15 14.16
N HIS A 245 -3.22 -20.47 15.29
CA HIS A 245 -1.98 -20.56 16.06
C HIS A 245 -2.16 -21.54 17.20
N THR A 246 -1.33 -22.56 17.17
CA THR A 246 -1.42 -23.59 18.20
C THR A 246 -0.70 -23.18 19.47
N LYS A 247 -1.21 -23.65 20.61
CA LYS A 247 -0.56 -23.32 21.87
C LYS A 247 0.91 -23.71 21.80
N GLU A 248 1.08 -24.91 21.23
CA GLU A 248 2.45 -25.40 21.08
C GLU A 248 2.84 -25.33 19.61
N ILE A 249 4.14 -25.17 19.37
CA ILE A 249 4.69 -25.12 18.02
C ILE A 249 4.09 -26.29 17.24
N ASP A 250 3.50 -26.01 16.07
CA ASP A 250 2.93 -27.21 15.43
C ASP A 250 3.96 -27.74 14.43
N PRO A 251 4.23 -29.02 14.67
CA PRO A 251 5.20 -29.80 13.91
C PRO A 251 4.76 -30.02 12.46
N ALA A 252 3.54 -29.62 12.12
CA ALA A 252 3.08 -29.82 10.74
C ALA A 252 3.24 -28.58 9.88
N ASN A 253 2.16 -27.84 9.59
CA ASN A 253 2.31 -26.67 8.73
C ASN A 253 2.21 -25.32 9.39
N PRO A 254 3.30 -24.70 9.86
CA PRO A 254 4.67 -25.21 9.88
C PRO A 254 5.44 -24.55 11.02
N ASN A 255 6.26 -23.58 10.62
CA ASN A 255 7.11 -22.68 11.34
C ASN A 255 6.28 -21.55 11.98
N ARG A 256 5.01 -21.55 11.64
CA ARG A 256 3.99 -20.63 12.09
C ARG A 256 4.13 -20.35 13.57
N PRO A 257 4.14 -19.11 14.01
CA PRO A 257 4.25 -18.88 15.44
C PRO A 257 3.13 -19.55 16.24
N ASN A 258 3.50 -20.01 17.44
CA ASN A 258 2.46 -20.57 18.30
C ASN A 258 1.68 -19.35 18.82
N LEU A 259 0.63 -19.62 19.57
CA LEU A 259 -0.25 -18.56 20.05
C LEU A 259 0.47 -17.49 20.86
N LYS A 260 1.26 -17.89 21.86
CA LYS A 260 1.97 -16.90 22.67
C LYS A 260 2.78 -15.95 21.80
N ALA A 261 3.58 -16.50 20.89
CA ALA A 261 4.41 -15.69 20.00
C ALA A 261 3.54 -14.89 19.03
N ALA A 262 2.38 -15.44 18.66
CA ALA A 262 1.56 -14.67 17.72
C ALA A 262 1.16 -13.34 18.37
N TYR A 263 0.73 -13.43 19.64
CA TYR A 263 0.32 -12.22 20.36
C TYR A 263 1.56 -11.36 20.57
N HIS A 264 2.65 -11.91 21.09
CA HIS A 264 3.80 -11.05 21.31
C HIS A 264 4.32 -10.37 20.06
N LEU A 265 4.56 -11.19 19.03
CA LEU A 265 5.08 -10.65 17.79
C LEU A 265 4.17 -9.61 17.17
N GLN A 266 2.87 -9.86 17.24
CA GLN A 266 1.95 -8.91 16.63
C GLN A 266 1.79 -7.63 17.45
N CYS A 267 1.46 -7.75 18.73
CA CYS A 267 1.32 -6.54 19.55
C CYS A 267 2.62 -5.78 19.62
N MET A 268 3.69 -6.48 19.99
CA MET A 268 4.97 -5.80 20.07
C MET A 268 5.49 -5.37 18.71
N GLY A 269 5.22 -6.13 17.66
CA GLY A 269 5.74 -5.71 16.37
C GLY A 269 5.23 -4.34 15.99
N CYS A 270 3.94 -4.07 16.20
CA CYS A 270 3.46 -2.74 15.85
C CYS A 270 4.04 -1.66 16.77
N HIS A 271 4.00 -1.89 18.08
CA HIS A 271 4.51 -0.91 19.04
C HIS A 271 5.90 -0.43 18.66
N GLN A 272 6.72 -1.44 18.35
CA GLN A 272 8.08 -1.06 17.98
C GLN A 272 8.10 -0.36 16.63
N GLY A 273 7.26 -0.81 15.68
CA GLY A 273 7.29 -0.16 14.39
C GLY A 273 6.88 1.31 14.46
N MET A 274 6.00 1.70 15.38
CA MET A 274 5.65 3.13 15.38
C MET A 274 6.11 3.77 16.69
N ASN A 275 7.26 3.27 17.13
CA ASN A 275 7.99 3.70 18.30
C ASN A 275 7.15 4.09 19.50
N VAL A 276 6.26 3.20 19.93
CA VAL A 276 5.40 3.40 21.07
C VAL A 276 6.24 3.55 22.33
N GLY A 277 5.96 4.60 23.11
CA GLY A 277 6.72 4.88 24.32
C GLY A 277 6.46 3.84 25.40
N ARG A 278 5.20 3.46 25.52
CA ARG A 278 4.75 2.49 26.49
C ARG A 278 3.49 1.78 26.01
N PRO A 279 3.42 0.47 26.24
CA PRO A 279 4.48 -0.29 26.91
C PRO A 279 5.67 -0.72 26.07
N LYS A 280 6.83 -0.82 26.72
CA LYS A 280 8.00 -1.33 26.01
C LYS A 280 7.76 -2.85 25.97
N ASN A 281 8.49 -3.58 25.16
CA ASN A 281 8.29 -5.03 25.13
C ASN A 281 8.62 -5.64 26.48
N THR A 282 9.41 -4.95 27.31
CA THR A 282 9.74 -5.51 28.62
C THR A 282 8.78 -5.04 29.69
N ASP A 283 7.74 -4.30 29.30
CA ASP A 283 6.78 -3.91 30.32
C ASP A 283 5.67 -4.97 30.38
N CYS A 284 6.06 -6.19 30.75
CA CYS A 284 5.16 -7.32 30.83
C CYS A 284 3.86 -7.05 31.56
N THR A 285 3.91 -6.54 32.79
CA THR A 285 2.63 -6.37 33.47
C THR A 285 1.80 -5.25 32.88
N THR A 286 2.32 -4.50 31.92
CA THR A 286 1.46 -3.42 31.39
C THR A 286 0.42 -4.03 30.48
N CYS A 287 0.80 -5.10 29.79
CA CYS A 287 -0.18 -5.77 28.92
C CYS A 287 -1.01 -6.82 29.66
N HIS A 288 -0.42 -7.38 30.71
CA HIS A 288 -1.16 -8.36 31.50
C HIS A 288 -0.58 -8.41 32.91
N LYS A 289 -1.43 -8.04 33.87
CA LYS A 289 -1.00 -8.02 35.27
C LYS A 289 -0.58 -9.39 35.77
N ALA A 290 0.51 -9.46 36.51
CA ALA A 290 0.95 -10.75 37.03
C ALA A 290 -0.12 -11.30 37.97
N ARG A 291 -0.21 -12.63 38.04
CA ARG A 291 -1.20 -13.24 38.93
C ARG A 291 -0.60 -13.29 40.32
N PRO A 292 -1.24 -12.61 41.28
CA PRO A 292 -0.73 -12.61 42.65
C PRO A 292 -0.53 -14.04 43.17
#